data_2O07
#
_entry.id   2O07
#
_cell.length_a   58.125
_cell.length_b   60.663
_cell.length_c   86.705
_cell.angle_alpha   90.00
_cell.angle_beta   108.68
_cell.angle_gamma   90.00
#
_symmetry.space_group_name_H-M   'P 1 21 1'
#
loop_
_entity.id
_entity.type
_entity.pdbx_description
1 polymer 'Spermidine synthase'
2 non-polymer SPERMIDINE
3 non-polymer "5'-DEOXY-5'-METHYLTHIOADENOSINE"
4 water water
#
_entity_poly.entity_id   1
_entity_poly.type   'polypeptide(L)'
_entity_poly.pdbx_seq_one_letter_code
;GSMEPGPDGPAASGPAAIREGWFRETCSLWPGQALSLQVEQLLHHRRSRYQDILVFRSKTYGNVLVLDGVIQCTERDEFS
YQEMIANLPLCSHPNPRKVLIIGGGDGGVLREVVKHPSVESVVQCEIDEDVIQVSKKFLPGMAIGYSSSKLTLHVGDGFE
FMKQNQDAFDVIITDSSDPMGPAESLFKESYYQLMKTALKEDGVLCCQGECQWLHLDLIKEMRQFCQSLFPVVAYAYCTI
PTYPSGQIGFMLCSKNPSTNFQEPVQPLTQQQVAQMQLKYYNSDVHRAAFVLPEFARKALNDVS
;
_entity_poly.pdbx_strand_id   A,B
#
# COMPACT_ATOMS: atom_id res chain seq x y z
N ILE A 18 2.38 -16.84 -19.97
CA ILE A 18 2.57 -17.97 -18.99
C ILE A 18 3.79 -18.82 -19.35
N ARG A 19 4.74 -18.91 -18.43
CA ARG A 19 6.02 -19.58 -18.69
C ARG A 19 6.44 -20.31 -17.43
N GLU A 20 6.75 -21.59 -17.58
CA GLU A 20 7.21 -22.40 -16.44
C GLU A 20 6.26 -22.30 -15.23
N GLY A 21 4.95 -22.29 -15.47
CA GLY A 21 3.97 -22.30 -14.37
C GLY A 21 3.66 -20.96 -13.73
N TRP A 22 4.16 -19.86 -14.33
CA TRP A 22 3.93 -18.52 -13.81
C TRP A 22 3.49 -17.55 -14.92
N PHE A 23 2.55 -16.68 -14.60
CA PHE A 23 2.19 -15.58 -15.44
C PHE A 23 2.88 -14.31 -14.96
N ARG A 24 3.60 -13.67 -15.88
CA ARG A 24 4.35 -12.47 -15.54
C ARG A 24 3.75 -11.27 -16.26
N GLU A 25 3.39 -10.25 -15.50
CA GLU A 25 2.83 -9.03 -16.07
C GLU A 25 3.91 -7.96 -16.32
N THR A 26 4.15 -7.65 -17.59
CA THR A 26 5.05 -6.53 -17.97
C THR A 26 4.32 -5.46 -18.76
N CYS A 27 4.77 -4.22 -18.62
CA CYS A 27 4.17 -3.10 -19.32
C CYS A 27 5.12 -1.91 -19.30
N SER A 28 5.12 -1.17 -20.40
CA SER A 28 6.04 -0.06 -20.57
C SER A 28 5.61 1.09 -19.65
N LEU A 29 4.40 0.98 -19.10
CA LEU A 29 3.92 2.03 -18.19
C LEU A 29 4.45 1.82 -16.77
N TRP A 30 5.05 0.66 -16.51
CA TRP A 30 5.76 0.43 -15.27
C TRP A 30 7.06 -0.33 -15.57
N PRO A 31 7.99 0.35 -16.26
CA PRO A 31 9.16 -0.36 -16.79
C PRO A 31 10.07 -0.90 -15.69
N GLY A 32 10.72 -2.03 -15.97
CA GLY A 32 11.72 -2.63 -15.10
C GLY A 32 11.21 -3.29 -13.84
N GLN A 33 9.89 -3.46 -13.72
CA GLN A 33 9.29 -4.18 -12.62
C GLN A 33 8.19 -5.12 -13.16
N ALA A 34 7.87 -6.18 -12.40
CA ALA A 34 6.84 -7.13 -12.83
C ALA A 34 6.31 -7.90 -11.64
N LEU A 35 4.99 -8.04 -11.62
CA LEU A 35 4.33 -9.05 -10.79
C LEU A 35 4.23 -10.36 -11.60
N SER A 36 4.66 -11.47 -11.00
CA SER A 36 4.25 -12.79 -11.46
C SER A 36 3.29 -13.46 -10.48
N LEU A 37 2.30 -14.13 -11.04
CA LEU A 37 1.40 -15.03 -10.29
C LEU A 37 1.54 -16.46 -10.79
N GLN A 38 1.67 -17.37 -9.84
CA GLN A 38 1.81 -18.78 -10.14
C GLN A 38 0.46 -19.33 -10.63
N VAL A 39 0.51 -20.04 -11.74
CA VAL A 39 -0.67 -20.60 -12.39
C VAL A 39 -0.96 -22.05 -11.95
N GLU A 40 -2.18 -22.32 -11.47
CA GLU A 40 -2.59 -23.68 -11.25
C GLU A 40 -3.17 -24.28 -12.54
N GLN A 41 -4.00 -23.51 -13.25
CA GLN A 41 -4.64 -23.95 -14.51
C GLN A 41 -5.05 -22.80 -15.44
N LEU A 42 -4.60 -22.88 -16.70
CA LEU A 42 -5.16 -22.00 -17.73
C LEU A 42 -6.65 -22.30 -17.92
N LEU A 43 -7.50 -21.26 -17.91
CA LEU A 43 -8.95 -21.45 -18.02
C LEU A 43 -9.51 -20.97 -19.38
N HIS A 44 -8.90 -19.93 -19.93
CA HIS A 44 -9.48 -19.26 -21.12
C HIS A 44 -8.44 -18.35 -21.75
N HIS A 45 -8.28 -18.44 -23.09
CA HIS A 45 -7.39 -17.54 -23.80
C HIS A 45 -7.84 -17.33 -25.25
N ARG A 46 -8.54 -16.20 -25.49
CA ARG A 46 -9.11 -15.87 -26.81
C ARG A 46 -8.99 -14.35 -27.04
N ARG A 47 -8.78 -13.94 -28.29
CA ARG A 47 -8.90 -12.54 -28.73
C ARG A 47 -10.33 -12.22 -29.12
N SER A 48 -10.90 -11.17 -28.52
CA SER A 48 -12.26 -10.78 -28.86
C SER A 48 -12.07 -9.81 -30.02
N ARG A 49 -13.17 -9.21 -30.49
CA ARG A 49 -13.11 -8.13 -31.46
C ARG A 49 -12.20 -6.97 -30.96
N TYR A 50 -12.06 -6.83 -29.64
CA TYR A 50 -11.39 -5.66 -29.04
C TYR A 50 -10.01 -5.86 -28.41
N GLN A 51 -9.80 -7.03 -27.80
CA GLN A 51 -8.60 -7.21 -26.97
C GLN A 51 -8.35 -8.67 -26.68
N ASP A 52 -7.15 -8.94 -26.19
CA ASP A 52 -6.81 -10.29 -25.78
C ASP A 52 -7.36 -10.56 -24.38
N ILE A 53 -8.10 -11.67 -24.24
CA ILE A 53 -8.72 -12.08 -22.96
C ILE A 53 -8.11 -13.39 -22.46
N LEU A 54 -7.45 -13.31 -21.29
CA LEU A 54 -6.78 -14.42 -20.65
C LEU A 54 -7.37 -14.58 -19.24
N VAL A 55 -7.73 -15.80 -18.87
CA VAL A 55 -8.24 -16.12 -17.53
C VAL A 55 -7.56 -17.39 -17.04
N PHE A 56 -7.07 -17.39 -15.81
CA PHE A 56 -6.40 -18.56 -15.25
C PHE A 56 -6.76 -18.66 -13.80
N ARG A 57 -6.76 -19.89 -13.32
CA ARG A 57 -6.84 -20.12 -11.91
C ARG A 57 -5.38 -20.00 -11.37
N SER A 58 -5.14 -19.08 -10.43
CA SER A 58 -3.80 -18.92 -9.85
C SER A 58 -3.75 -19.81 -8.64
N LYS A 59 -2.54 -20.08 -8.17
CA LYS A 59 -2.30 -20.90 -6.98
C LYS A 59 -2.88 -20.25 -5.71
N THR A 60 -2.70 -18.93 -5.60
CA THR A 60 -3.03 -18.24 -4.34
C THR A 60 -3.95 -17.00 -4.39
N TYR A 61 -4.37 -16.56 -5.57
CA TYR A 61 -5.19 -15.34 -5.69
C TYR A 61 -6.54 -15.66 -6.32
N GLY A 62 -6.80 -16.97 -6.45
CA GLY A 62 -8.01 -17.48 -7.10
C GLY A 62 -7.98 -17.20 -8.59
N ASN A 63 -9.14 -17.01 -9.21
CA ASN A 63 -9.15 -16.69 -10.66
C ASN A 63 -8.65 -15.30 -10.98
N VAL A 64 -7.99 -15.19 -12.12
CA VAL A 64 -7.38 -13.94 -12.54
C VAL A 64 -7.76 -13.61 -13.99
N LEU A 65 -8.31 -12.41 -14.17
CA LEU A 65 -8.61 -11.85 -15.46
C LEU A 65 -7.50 -10.90 -15.97
N VAL A 66 -7.04 -11.15 -17.19
CA VAL A 66 -5.97 -10.35 -17.81
C VAL A 66 -6.44 -9.86 -19.20
N LEU A 67 -6.42 -8.54 -19.46
CA LEU A 67 -6.78 -7.91 -20.76
C LEU A 67 -5.56 -7.26 -21.45
N ASP A 68 -5.25 -7.70 -22.67
CA ASP A 68 -3.99 -7.32 -23.32
C ASP A 68 -2.77 -7.42 -22.41
N GLY A 69 -2.70 -8.50 -21.65
CA GLY A 69 -1.54 -8.74 -20.78
C GLY A 69 -1.48 -7.93 -19.49
N VAL A 70 -2.48 -7.08 -19.23
CA VAL A 70 -2.57 -6.38 -17.94
C VAL A 70 -3.60 -7.02 -16.99
N ILE A 71 -3.20 -7.26 -15.74
CA ILE A 71 -4.11 -7.86 -14.74
C ILE A 71 -5.24 -6.86 -14.46
N GLN A 72 -6.48 -7.31 -14.62
CA GLN A 72 -7.69 -6.53 -14.32
C GLN A 72 -8.20 -6.82 -12.92
N CYS A 73 -8.27 -8.10 -12.56
CA CYS A 73 -8.72 -8.50 -11.21
C CYS A 73 -8.29 -9.88 -10.81
N THR A 74 -8.23 -10.10 -9.50
CA THR A 74 -8.07 -11.45 -8.94
C THR A 74 -9.19 -11.60 -7.97
N GLU A 75 -9.71 -12.82 -7.84
CA GLU A 75 -10.77 -13.02 -6.88
C GLU A 75 -10.34 -12.71 -5.44
N ARG A 76 -9.04 -12.87 -5.12
CA ARG A 76 -8.58 -12.69 -3.73
C ARG A 76 -8.62 -11.24 -3.28
N ASP A 77 -8.26 -10.31 -4.16
CA ASP A 77 -8.14 -8.92 -3.71
C ASP A 77 -9.00 -7.87 -4.45
N GLU A 78 -9.84 -8.31 -5.39
CA GLU A 78 -10.74 -7.38 -6.14
C GLU A 78 -11.60 -6.51 -5.22
N PHE A 79 -11.97 -7.03 -4.05
CA PHE A 79 -12.82 -6.27 -3.13
C PHE A 79 -12.33 -4.84 -2.80
N SER A 80 -11.00 -4.64 -2.65
CA SER A 80 -10.45 -3.34 -2.32
C SER A 80 -10.82 -2.29 -3.37
N TYR A 81 -10.40 -2.53 -4.62
CA TYR A 81 -10.63 -1.58 -5.70
C TYR A 81 -12.16 -1.43 -6.00
N GLN A 82 -12.89 -2.54 -5.94
CA GLN A 82 -14.32 -2.51 -6.30
C GLN A 82 -15.10 -1.70 -5.27
N GLU A 83 -14.81 -1.95 -3.99
CA GLU A 83 -15.46 -1.17 -2.91
C GLU A 83 -15.11 0.31 -2.95
N MET A 84 -13.84 0.64 -3.22
CA MET A 84 -13.40 2.02 -3.16
C MET A 84 -13.91 2.89 -4.31
N ILE A 85 -13.82 2.35 -5.52
CA ILE A 85 -14.23 3.11 -6.69
C ILE A 85 -15.73 3.36 -6.67
N ALA A 86 -16.51 2.49 -6.02
CA ALA A 86 -17.99 2.73 -5.93
C ALA A 86 -18.35 3.66 -4.74
N ASN A 87 -17.85 3.31 -3.55
CA ASN A 87 -18.17 4.07 -2.37
C ASN A 87 -17.54 5.45 -2.18
N LEU A 88 -16.33 5.67 -2.69
CA LEU A 88 -15.77 7.02 -2.70
C LEU A 88 -16.74 8.06 -3.33
N PRO A 89 -17.18 7.85 -4.58
CA PRO A 89 -18.20 8.79 -5.08
C PRO A 89 -19.61 8.69 -4.44
N LEU A 90 -20.12 7.47 -4.20
CA LEU A 90 -21.50 7.28 -3.72
C LEU A 90 -21.67 7.92 -2.35
N CYS A 91 -20.68 7.71 -1.47
CA CYS A 91 -20.75 8.29 -0.10
C CYS A 91 -20.30 9.75 -0.04
N SER A 92 -19.89 10.27 -1.18
CA SER A 92 -19.58 11.70 -1.31
C SER A 92 -20.71 12.49 -1.97
N HIS A 93 -21.85 11.85 -2.19
CA HIS A 93 -23.03 12.49 -2.80
C HIS A 93 -24.14 12.33 -1.77
N PRO A 94 -24.92 13.40 -1.49
CA PRO A 94 -26.00 13.28 -0.50
C PRO A 94 -27.17 12.36 -0.87
N ASN A 95 -27.41 12.12 -2.17
CA ASN A 95 -28.54 11.31 -2.62
C ASN A 95 -28.36 10.80 -4.03
N PRO A 96 -27.43 9.85 -4.23
CA PRO A 96 -27.16 9.42 -5.60
C PRO A 96 -28.19 8.38 -6.07
N ARG A 97 -28.97 8.76 -7.08
CA ARG A 97 -30.11 7.93 -7.51
C ARG A 97 -29.88 7.32 -8.88
N LYS A 98 -29.22 8.08 -9.77
CA LYS A 98 -28.95 7.61 -11.13
C LYS A 98 -27.43 7.52 -11.35
N VAL A 99 -26.94 6.32 -11.68
CA VAL A 99 -25.50 6.07 -11.71
C VAL A 99 -25.15 5.55 -13.10
N LEU A 100 -23.97 5.94 -13.58
CA LEU A 100 -23.41 5.47 -14.84
C LEU A 100 -22.06 4.86 -14.55
N ILE A 101 -21.88 3.62 -14.96
CA ILE A 101 -20.60 2.96 -14.95
C ILE A 101 -20.09 2.78 -16.38
N ILE A 102 -18.87 3.25 -16.63
CA ILE A 102 -18.26 2.97 -17.91
C ILE A 102 -17.24 1.86 -17.72
N GLY A 103 -17.25 0.86 -18.62
CA GLY A 103 -16.38 -0.30 -18.48
C GLY A 103 -17.07 -1.23 -17.52
N GLY A 104 -16.35 -1.76 -16.54
CA GLY A 104 -17.01 -2.56 -15.51
C GLY A 104 -17.41 -3.95 -15.99
N GLY A 105 -16.68 -4.46 -16.99
CA GLY A 105 -17.04 -5.72 -17.63
C GLY A 105 -17.19 -6.87 -16.65
N ASP A 106 -16.36 -6.91 -15.60
CA ASP A 106 -16.44 -8.03 -14.67
C ASP A 106 -17.70 -8.04 -13.79
N GLY A 107 -18.40 -6.89 -13.67
CA GLY A 107 -19.63 -6.77 -12.88
C GLY A 107 -19.46 -6.35 -11.43
N GLY A 108 -18.22 -6.29 -10.96
CA GLY A 108 -17.94 -6.08 -9.55
C GLY A 108 -18.25 -4.68 -9.05
N VAL A 109 -18.02 -3.65 -9.89
CA VAL A 109 -18.38 -2.28 -9.46
C VAL A 109 -19.90 -2.18 -9.37
N LEU A 110 -20.57 -2.71 -10.39
CA LEU A 110 -22.04 -2.85 -10.36
C LEU A 110 -22.52 -3.51 -9.06
N ARG A 111 -21.92 -4.65 -8.72
CA ARG A 111 -22.20 -5.33 -7.43
C ARG A 111 -22.12 -4.39 -6.23
N GLU A 112 -21.08 -3.54 -6.16
CA GLU A 112 -20.95 -2.61 -5.05
C GLU A 112 -21.93 -1.44 -5.11
N VAL A 113 -22.15 -0.87 -6.29
CA VAL A 113 -23.08 0.28 -6.42
C VAL A 113 -24.51 -0.09 -5.95
N VAL A 114 -24.99 -1.27 -6.35
CA VAL A 114 -26.43 -1.63 -6.12
C VAL A 114 -26.78 -1.90 -4.67
N LYS A 115 -25.75 -2.01 -3.85
CA LYS A 115 -25.93 -2.10 -2.39
C LYS A 115 -26.57 -0.87 -1.79
N HIS A 116 -26.41 0.28 -2.46
CA HIS A 116 -26.95 1.55 -1.92
C HIS A 116 -28.46 1.64 -2.15
N PRO A 117 -29.26 1.75 -1.08
CA PRO A 117 -30.72 1.88 -1.29
C PRO A 117 -31.15 3.12 -2.12
N SER A 118 -30.39 4.22 -2.04
CA SER A 118 -30.66 5.48 -2.82
C SER A 118 -30.59 5.27 -4.34
N VAL A 119 -29.75 4.33 -4.77
CA VAL A 119 -29.55 4.08 -6.18
C VAL A 119 -30.80 3.40 -6.79
N GLU A 120 -31.39 4.08 -7.77
CA GLU A 120 -32.56 3.57 -8.48
C GLU A 120 -32.21 2.90 -9.81
N SER A 121 -31.22 3.44 -10.51
CA SER A 121 -30.83 2.87 -11.79
C SER A 121 -29.34 3.00 -11.95
N VAL A 122 -28.76 1.96 -12.53
CA VAL A 122 -27.38 1.96 -12.92
C VAL A 122 -27.37 1.61 -14.40
N VAL A 123 -26.91 2.55 -15.21
CA VAL A 123 -26.56 2.26 -16.61
C VAL A 123 -25.10 1.82 -16.63
N GLN A 124 -24.81 0.70 -17.32
CA GLN A 124 -23.41 0.31 -17.57
C GLN A 124 -23.09 0.28 -19.07
N CYS A 125 -22.04 0.99 -19.48
CA CYS A 125 -21.62 0.98 -20.88
C CYS A 125 -20.27 0.28 -21.04
N GLU A 126 -20.36 -0.94 -21.58
CA GLU A 126 -19.21 -1.81 -21.80
C GLU A 126 -19.04 -2.10 -23.31
N ILE A 127 -17.81 -1.94 -23.78
CA ILE A 127 -17.48 -2.05 -25.19
C ILE A 127 -17.43 -3.51 -25.64
N ASP A 128 -16.95 -4.39 -24.76
CA ASP A 128 -16.58 -5.77 -25.15
C ASP A 128 -17.46 -6.82 -24.48
N GLU A 129 -18.55 -7.20 -25.16
CA GLU A 129 -19.49 -8.22 -24.68
C GLU A 129 -18.92 -9.59 -24.28
N ASP A 130 -17.79 -9.93 -24.85
CA ASP A 130 -17.09 -11.15 -24.47
C ASP A 130 -16.41 -11.14 -23.10
N VAL A 131 -15.96 -9.98 -22.64
CA VAL A 131 -15.53 -9.82 -21.23
C VAL A 131 -16.69 -10.16 -20.29
N ILE A 132 -17.89 -9.67 -20.62
CA ILE A 132 -19.07 -9.96 -19.80
C ILE A 132 -19.31 -11.50 -19.72
N GLN A 133 -19.24 -12.18 -20.86
CA GLN A 133 -19.49 -13.62 -20.90
C GLN A 133 -18.42 -14.42 -20.14
N VAL A 134 -17.16 -14.01 -20.28
CA VAL A 134 -16.03 -14.64 -19.56
C VAL A 134 -16.12 -14.40 -18.03
N SER A 135 -16.48 -13.18 -17.65
CA SER A 135 -16.64 -12.81 -16.25
C SER A 135 -17.78 -13.57 -15.58
N LYS A 136 -18.90 -13.80 -16.28
CA LYS A 136 -20.02 -14.54 -15.70
C LYS A 136 -19.63 -16.02 -15.43
N LYS A 137 -18.81 -16.57 -16.30
CA LYS A 137 -18.29 -17.92 -16.09
C LYS A 137 -17.20 -18.04 -14.98
N PHE A 138 -16.18 -17.18 -15.04
CA PHE A 138 -14.94 -17.34 -14.23
C PHE A 138 -14.74 -16.37 -13.09
N LEU A 139 -15.60 -15.36 -13.04
CA LEU A 139 -15.63 -14.39 -11.93
C LEU A 139 -17.03 -14.26 -11.28
N PRO A 140 -17.57 -15.38 -10.76
CA PRO A 140 -18.95 -15.39 -10.29
C PRO A 140 -19.18 -14.45 -9.09
N GLY A 141 -18.14 -14.19 -8.28
CA GLY A 141 -18.29 -13.30 -7.14
C GLY A 141 -18.41 -11.84 -7.56
N MET A 142 -17.94 -11.55 -8.77
CA MET A 142 -18.02 -10.20 -9.34
C MET A 142 -19.24 -10.07 -10.24
N ALA A 143 -19.41 -11.01 -11.17
CA ALA A 143 -20.52 -10.98 -12.15
C ALA A 143 -21.93 -11.15 -11.54
N ILE A 144 -21.98 -11.37 -10.24
CA ILE A 144 -23.21 -11.37 -9.48
C ILE A 144 -23.93 -9.99 -9.63
N GLY A 145 -23.14 -8.94 -9.94
CA GLY A 145 -23.66 -7.59 -10.19
C GLY A 145 -24.76 -7.57 -11.25
N TYR A 146 -24.58 -8.39 -12.28
CA TYR A 146 -25.48 -8.43 -13.43
C TYR A 146 -26.88 -8.99 -13.14
N SER A 147 -27.07 -9.49 -11.91
CA SER A 147 -28.38 -10.01 -11.50
C SER A 147 -29.27 -8.91 -10.91
N SER A 148 -28.73 -7.70 -10.71
CA SER A 148 -29.51 -6.57 -10.20
C SER A 148 -30.64 -6.16 -11.17
N SER A 149 -31.80 -5.83 -10.62
CA SER A 149 -32.91 -5.26 -11.38
C SER A 149 -32.68 -3.75 -11.68
N LYS A 150 -31.72 -3.13 -10.98
CA LYS A 150 -31.40 -1.70 -11.26
C LYS A 150 -30.61 -1.49 -12.57
N LEU A 151 -30.08 -2.58 -13.13
CA LEU A 151 -29.21 -2.50 -14.31
C LEU A 151 -29.89 -2.17 -15.65
N THR A 152 -29.28 -1.24 -16.39
CA THR A 152 -29.52 -1.10 -17.82
C THR A 152 -28.16 -1.29 -18.48
N LEU A 153 -27.99 -2.41 -19.20
CA LEU A 153 -26.73 -2.66 -19.87
C LEU A 153 -26.69 -2.09 -21.27
N HIS A 154 -25.64 -1.32 -21.55
CA HIS A 154 -25.43 -0.70 -22.85
C HIS A 154 -24.14 -1.17 -23.44
N VAL A 155 -24.10 -1.26 -24.77
CA VAL A 155 -22.93 -1.69 -25.50
C VAL A 155 -22.27 -0.54 -26.28
N GLY A 156 -20.95 -0.41 -26.13
CA GLY A 156 -20.16 0.41 -27.01
C GLY A 156 -19.01 1.15 -26.35
N ASP A 157 -18.39 2.04 -27.13
CA ASP A 157 -17.33 2.87 -26.62
C ASP A 157 -17.92 3.93 -25.67
N GLY A 158 -17.46 3.91 -24.42
CA GLY A 158 -17.97 4.82 -23.39
C GLY A 158 -17.69 6.28 -23.68
N PHE A 159 -16.64 6.55 -24.47
CA PHE A 159 -16.33 7.89 -24.92
C PHE A 159 -17.42 8.49 -25.83
N GLU A 160 -17.71 7.81 -26.93
CA GLU A 160 -18.80 8.21 -27.79
C GLU A 160 -20.16 8.10 -27.07
N PHE A 161 -20.35 7.08 -26.22
CA PHE A 161 -21.55 7.01 -25.41
C PHE A 161 -21.79 8.26 -24.56
N MET A 162 -20.74 8.79 -23.94
CA MET A 162 -20.87 9.92 -23.01
C MET A 162 -21.52 11.16 -23.68
N LYS A 163 -21.20 11.34 -24.96
CA LYS A 163 -21.78 12.43 -25.84
C LYS A 163 -23.29 12.37 -25.97
N GLN A 164 -23.85 11.19 -25.77
CA GLN A 164 -25.29 11.00 -25.85
C GLN A 164 -26.06 11.58 -24.69
N ASN A 165 -25.38 11.89 -23.60
CA ASN A 165 -26.05 12.23 -22.32
C ASN A 165 -25.80 13.65 -21.84
N GLN A 166 -26.84 14.28 -21.28
CA GLN A 166 -26.67 15.62 -20.74
C GLN A 166 -27.54 15.81 -19.51
N ASP A 167 -26.93 16.18 -18.37
CA ASP A 167 -27.68 16.52 -17.16
C ASP A 167 -28.51 15.29 -16.70
N ALA A 168 -27.87 14.11 -16.74
CA ALA A 168 -28.58 12.83 -16.60
C ALA A 168 -28.20 12.05 -15.35
N PHE A 169 -26.92 12.11 -14.94
CA PHE A 169 -26.42 11.23 -13.88
C PHE A 169 -25.95 11.98 -12.64
N ASP A 170 -26.27 11.40 -11.48
CA ASP A 170 -25.78 11.87 -10.19
C ASP A 170 -24.30 11.46 -9.99
N VAL A 171 -23.93 10.27 -10.44
CA VAL A 171 -22.58 9.73 -10.23
C VAL A 171 -22.18 8.99 -11.50
N ILE A 172 -20.97 9.26 -11.99
CA ILE A 172 -20.34 8.48 -13.07
C ILE A 172 -19.02 7.85 -12.56
N ILE A 173 -18.90 6.55 -12.73
CA ILE A 173 -17.72 5.81 -12.38
C ILE A 173 -17.13 5.25 -13.68
N THR A 174 -15.86 5.55 -13.93
CA THR A 174 -15.13 4.91 -15.05
C THR A 174 -14.21 3.80 -14.49
N ASP A 175 -14.68 2.58 -14.66
CA ASP A 175 -13.95 1.39 -14.28
C ASP A 175 -13.30 0.81 -15.54
N SER A 176 -12.14 1.36 -15.94
CA SER A 176 -11.59 1.16 -17.28
C SER A 176 -10.43 0.18 -17.33
N SER A 177 -10.30 -0.50 -18.47
CA SER A 177 -9.13 -1.29 -18.76
C SER A 177 -8.00 -0.31 -19.11
N GLU A 189 -8.55 13.94 -21.90
CA GLU A 189 -9.06 15.17 -21.33
C GLU A 189 -10.49 15.53 -21.79
N SER A 190 -10.80 15.41 -23.09
CA SER A 190 -12.14 15.78 -23.54
C SER A 190 -13.20 14.86 -22.90
N TYR A 191 -12.80 13.64 -22.53
CA TYR A 191 -13.71 12.68 -21.86
C TYR A 191 -14.23 13.29 -20.55
N TYR A 192 -13.34 13.90 -19.77
CA TYR A 192 -13.74 14.63 -18.55
C TYR A 192 -14.76 15.76 -18.80
N GLN A 193 -14.63 16.46 -19.92
CA GLN A 193 -15.61 17.49 -20.24
C GLN A 193 -16.97 16.86 -20.56
N LEU A 194 -16.93 15.74 -21.29
CA LEU A 194 -18.13 14.99 -21.62
C LEU A 194 -18.85 14.50 -20.39
N MET A 195 -18.10 13.96 -19.43
CA MET A 195 -18.65 13.56 -18.14
C MET A 195 -19.27 14.76 -17.39
N LYS A 196 -18.59 15.90 -17.39
CA LYS A 196 -19.19 17.14 -16.80
C LYS A 196 -20.58 17.46 -17.38
N THR A 197 -20.71 17.36 -18.70
CA THR A 197 -21.99 17.64 -19.38
C THR A 197 -23.06 16.58 -19.01
N ALA A 198 -22.66 15.31 -19.01
CA ALA A 198 -23.51 14.19 -18.64
C ALA A 198 -24.03 14.19 -17.21
N LEU A 199 -23.25 14.76 -16.29
CA LEU A 199 -23.65 14.86 -14.88
C LEU A 199 -24.73 15.92 -14.66
N LYS A 200 -25.56 15.68 -13.64
CA LYS A 200 -26.47 16.71 -13.15
C LYS A 200 -25.68 17.87 -12.50
N GLU A 201 -26.40 18.94 -12.10
CA GLU A 201 -25.76 20.20 -11.67
C GLU A 201 -24.82 20.03 -10.47
N ASP A 202 -25.12 19.04 -9.62
CA ASP A 202 -24.37 18.73 -8.39
C ASP A 202 -23.81 17.31 -8.44
N GLY A 203 -23.62 16.77 -9.66
CA GLY A 203 -23.09 15.43 -9.83
C GLY A 203 -21.61 15.27 -9.49
N VAL A 204 -21.23 14.03 -9.22
CA VAL A 204 -19.85 13.71 -8.92
C VAL A 204 -19.37 12.56 -9.82
N LEU A 205 -18.05 12.48 -10.02
CA LEU A 205 -17.47 11.39 -10.79
C LEU A 205 -16.25 10.80 -10.06
N CYS A 206 -15.96 9.54 -10.37
CA CYS A 206 -14.76 8.88 -9.92
C CYS A 206 -14.18 8.05 -11.06
N CYS A 207 -12.91 8.28 -11.41
CA CYS A 207 -12.22 7.55 -12.49
C CYS A 207 -10.99 6.86 -11.89
N GLN A 208 -10.65 5.69 -12.40
CA GLN A 208 -9.37 5.07 -12.08
C GLN A 208 -8.31 6.14 -12.34
N GLY A 209 -7.41 6.38 -11.38
CA GLY A 209 -6.60 7.59 -11.40
C GLY A 209 -5.08 7.57 -11.40
N GLU A 210 -4.46 6.43 -11.66
CA GLU A 210 -2.95 6.33 -11.76
C GLU A 210 -2.37 6.00 -10.37
N CYS A 211 -1.30 5.20 -10.37
CA CYS A 211 -0.52 4.92 -9.16
C CYS A 211 0.45 6.07 -8.81
N GLN A 212 0.37 6.60 -7.59
CA GLN A 212 1.19 7.76 -7.18
C GLN A 212 2.69 7.44 -7.02
N TRP A 213 3.01 6.15 -6.91
CA TRP A 213 4.40 5.66 -6.97
C TRP A 213 4.99 5.41 -8.39
N LEU A 214 4.14 5.54 -9.42
CA LEU A 214 4.51 5.29 -10.81
C LEU A 214 4.34 6.49 -11.73
N HIS A 215 3.28 7.29 -11.53
CA HIS A 215 3.00 8.37 -12.49
C HIS A 215 2.44 9.60 -11.81
N LEU A 216 3.23 10.11 -10.88
CA LEU A 216 2.86 11.30 -10.13
C LEU A 216 2.76 12.52 -11.04
N ASP A 217 3.65 12.64 -12.02
CA ASP A 217 3.55 13.76 -12.97
C ASP A 217 2.21 13.76 -13.72
N LEU A 218 1.72 12.57 -14.10
CA LEU A 218 0.43 12.46 -14.77
C LEU A 218 -0.75 12.76 -13.85
N ILE A 219 -0.62 12.43 -12.57
CA ILE A 219 -1.68 12.72 -11.61
C ILE A 219 -1.74 14.23 -11.49
N LYS A 220 -0.56 14.87 -11.42
CA LYS A 220 -0.44 16.34 -11.32
C LYS A 220 -1.13 17.04 -12.49
N GLU A 221 -0.90 16.59 -13.72
CA GLU A 221 -1.44 17.27 -14.89
C GLU A 221 -2.95 16.99 -15.03
N MET A 222 -3.34 15.76 -14.75
CA MET A 222 -4.75 15.45 -14.76
C MET A 222 -5.50 16.29 -13.70
N ARG A 223 -4.96 16.37 -12.50
CA ARG A 223 -5.55 17.20 -11.45
C ARG A 223 -5.72 18.66 -11.90
N GLN A 224 -4.67 19.21 -12.52
CA GLN A 224 -4.70 20.60 -13.01
C GLN A 224 -5.72 20.76 -14.14
N PHE A 225 -5.75 19.77 -15.04
CA PHE A 225 -6.77 19.80 -16.07
C PHE A 225 -8.18 19.80 -15.47
N CYS A 226 -8.42 18.87 -14.53
CA CYS A 226 -9.74 18.76 -13.90
C CYS A 226 -10.13 20.00 -13.10
N GLN A 227 -9.14 20.64 -12.48
CA GLN A 227 -9.37 21.85 -11.70
C GLN A 227 -9.83 23.01 -12.57
N SER A 228 -9.49 22.96 -13.86
CA SER A 228 -9.93 23.99 -14.80
C SER A 228 -11.40 23.80 -15.25
N LEU A 229 -11.91 22.58 -15.10
CA LEU A 229 -13.31 22.21 -15.43
C LEU A 229 -14.28 22.15 -14.24
N PHE A 230 -13.80 21.76 -13.06
CA PHE A 230 -14.64 21.49 -11.88
C PHE A 230 -14.19 22.30 -10.67
N PRO A 231 -15.14 22.70 -9.82
CA PRO A 231 -14.82 23.46 -8.61
C PRO A 231 -14.12 22.64 -7.55
N VAL A 232 -14.26 21.31 -7.56
CA VAL A 232 -13.73 20.41 -6.51
C VAL A 232 -13.17 19.18 -7.19
N VAL A 233 -11.87 18.97 -6.97
CA VAL A 233 -11.13 17.85 -7.53
C VAL A 233 -10.32 17.28 -6.38
N ALA A 234 -10.27 15.95 -6.26
CA ALA A 234 -9.45 15.32 -5.23
C ALA A 234 -8.79 14.06 -5.82
N TYR A 235 -7.74 13.59 -5.16
CA TYR A 235 -7.12 12.31 -5.49
C TYR A 235 -7.13 11.42 -4.23
N ALA A 236 -7.58 10.17 -4.39
CA ALA A 236 -7.59 9.17 -3.32
C ALA A 236 -6.93 7.90 -3.84
N TYR A 237 -6.60 6.97 -2.94
CA TYR A 237 -5.93 5.74 -3.35
C TYR A 237 -6.33 4.58 -2.43
N CYS A 238 -6.13 3.37 -2.93
CA CYS A 238 -6.37 2.19 -2.13
C CYS A 238 -5.20 1.26 -2.36
N THR A 239 -4.98 0.36 -1.43
CA THR A 239 -3.99 -0.69 -1.63
C THR A 239 -4.65 -1.95 -2.21
N ILE A 240 -3.89 -2.64 -3.04
CA ILE A 240 -4.35 -3.80 -3.81
C ILE A 240 -3.09 -4.46 -4.36
N PRO A 241 -2.71 -5.62 -3.78
CA PRO A 241 -1.45 -6.24 -4.10
C PRO A 241 -1.23 -6.44 -5.61
N THR A 242 -2.29 -6.75 -6.34
CA THR A 242 -2.11 -7.17 -7.74
C THR A 242 -2.27 -6.08 -8.81
N TYR A 243 -2.34 -4.82 -8.42
CA TYR A 243 -2.03 -3.74 -9.38
C TYR A 243 -0.57 -3.30 -9.23
N PRO A 244 0.04 -2.77 -10.31
CA PRO A 244 1.46 -2.37 -10.27
C PRO A 244 1.79 -1.53 -9.03
N SER A 245 2.90 -1.89 -8.38
CA SER A 245 3.33 -1.20 -7.16
C SER A 245 2.40 -1.32 -5.92
N GLY A 246 1.33 -2.11 -6.05
CA GLY A 246 0.52 -2.56 -4.92
C GLY A 246 -0.57 -1.59 -4.46
N GLN A 247 -0.90 -0.64 -5.33
CA GLN A 247 -1.92 0.36 -5.09
C GLN A 247 -2.32 1.08 -6.38
N ILE A 248 -3.43 1.82 -6.32
CA ILE A 248 -3.93 2.62 -7.42
C ILE A 248 -4.80 3.74 -6.87
N GLY A 249 -4.86 4.82 -7.62
CA GLY A 249 -5.61 5.97 -7.15
C GLY A 249 -6.87 6.19 -7.95
N PHE A 250 -7.59 7.24 -7.55
CA PHE A 250 -8.86 7.60 -8.06
C PHE A 250 -8.87 9.11 -8.18
N MET A 251 -9.30 9.54 -9.35
CA MET A 251 -9.63 10.90 -9.60
C MET A 251 -11.11 11.11 -9.23
N LEU A 252 -11.37 12.10 -8.39
CA LEU A 252 -12.72 12.47 -7.98
C LEU A 252 -12.97 13.93 -8.37
N CYS A 253 -14.09 14.20 -9.06
CA CYS A 253 -14.47 15.55 -9.45
C CYS A 253 -15.93 15.78 -9.12
N SER A 254 -16.25 17.00 -8.65
CA SER A 254 -17.60 17.40 -8.34
C SER A 254 -17.98 18.71 -9.01
N LYS A 255 -19.23 18.78 -9.46
CA LYS A 255 -19.77 20.03 -10.04
C LYS A 255 -20.37 20.90 -8.90
N ASN A 256 -20.48 20.32 -7.73
CA ASN A 256 -21.00 20.99 -6.55
C ASN A 256 -19.81 21.64 -5.81
N PRO A 257 -19.69 22.99 -5.83
CA PRO A 257 -18.52 23.61 -5.21
C PRO A 257 -18.42 23.41 -3.68
N SER A 258 -19.49 22.93 -3.03
CA SER A 258 -19.47 22.61 -1.58
C SER A 258 -19.05 21.18 -1.23
N THR A 259 -18.83 20.33 -2.26
CA THR A 259 -18.52 18.93 -2.00
C THR A 259 -17.20 18.84 -1.24
N ASN A 260 -17.19 18.03 -0.19
CA ASN A 260 -15.96 17.71 0.53
C ASN A 260 -15.69 16.22 0.35
N PHE A 261 -14.80 15.85 -0.58
CA PHE A 261 -14.60 14.41 -0.85
C PHE A 261 -13.97 13.68 0.33
N GLN A 262 -13.12 14.40 1.06
CA GLN A 262 -12.36 13.82 2.16
C GLN A 262 -13.20 13.36 3.37
N GLU A 263 -14.30 14.07 3.65
CA GLU A 263 -15.18 13.76 4.79
C GLU A 263 -16.52 13.27 4.24
N PRO A 264 -16.82 11.95 4.34
CA PRO A 264 -17.99 11.47 3.59
C PRO A 264 -19.28 12.12 4.04
N VAL A 265 -20.02 12.66 3.08
CA VAL A 265 -21.34 13.25 3.35
C VAL A 265 -22.34 12.14 3.71
N GLN A 266 -22.08 10.90 3.30
CA GLN A 266 -22.86 9.77 3.82
C GLN A 266 -21.93 8.85 4.61
N PRO A 267 -21.76 9.12 5.92
CA PRO A 267 -20.96 8.20 6.73
C PRO A 267 -21.72 6.86 6.86
N LEU A 268 -20.98 5.77 7.02
CA LEU A 268 -21.58 4.44 7.28
C LEU A 268 -21.39 4.02 8.73
N THR A 269 -22.44 3.45 9.33
CA THR A 269 -22.34 2.88 10.66
C THR A 269 -21.66 1.53 10.50
N GLN A 270 -21.17 0.96 11.61
CA GLN A 270 -20.64 -0.41 11.61
C GLN A 270 -21.67 -1.41 11.10
N GLN A 271 -22.94 -1.21 11.48
CA GLN A 271 -24.07 -2.08 11.06
C GLN A 271 -24.18 -2.12 9.52
N GLN A 272 -24.08 -0.94 8.93
CA GLN A 272 -24.12 -0.79 7.50
C GLN A 272 -22.92 -1.48 6.81
N VAL A 273 -21.71 -1.30 7.33
CA VAL A 273 -20.51 -1.93 6.75
C VAL A 273 -20.67 -3.46 6.79
N ALA A 274 -21.11 -3.95 7.94
CA ALA A 274 -21.50 -5.37 8.13
C ALA A 274 -22.54 -5.87 7.12
N GLN A 275 -23.62 -5.12 6.97
CA GLN A 275 -24.72 -5.52 6.10
C GLN A 275 -24.32 -5.53 4.62
N MET A 276 -23.56 -4.51 4.21
CA MET A 276 -22.99 -4.43 2.86
C MET A 276 -21.83 -5.41 2.56
N GLN A 277 -21.39 -6.13 3.59
CA GLN A 277 -20.36 -7.17 3.48
C GLN A 277 -19.05 -6.59 2.99
N LEU A 278 -18.78 -5.36 3.39
CA LEU A 278 -17.51 -4.70 2.96
C LEU A 278 -16.30 -5.33 3.60
N LYS A 279 -15.25 -5.47 2.83
CA LYS A 279 -14.02 -6.06 3.34
C LYS A 279 -12.86 -5.08 3.28
N TYR A 280 -13.05 -3.95 2.61
CA TYR A 280 -12.03 -2.91 2.62
C TYR A 280 -12.58 -1.56 3.11
N TYR A 281 -13.61 -1.07 2.43
CA TYR A 281 -14.18 0.26 2.70
C TYR A 281 -14.90 0.39 4.07
N ASN A 282 -14.66 1.53 4.73
CA ASN A 282 -15.55 2.03 5.79
C ASN A 282 -15.34 3.53 5.81
N SER A 283 -15.99 4.24 6.73
CA SER A 283 -15.90 5.70 6.67
C SER A 283 -14.54 6.28 7.08
N ASP A 284 -13.83 5.60 7.99
CA ASP A 284 -12.51 6.05 8.35
C ASP A 284 -11.50 5.80 7.19
N VAL A 285 -11.59 4.61 6.57
CA VAL A 285 -10.78 4.30 5.39
C VAL A 285 -11.01 5.36 4.26
N HIS A 286 -12.28 5.71 4.04
CA HIS A 286 -12.63 6.80 3.10
C HIS A 286 -11.76 8.04 3.39
N ARG A 287 -11.76 8.50 4.64
CA ARG A 287 -11.04 9.72 5.02
C ARG A 287 -9.50 9.56 4.87
N ALA A 288 -8.99 8.41 5.34
CA ALA A 288 -7.56 8.13 5.28
C ALA A 288 -7.05 8.03 3.85
N ALA A 289 -7.94 7.61 2.92
CA ALA A 289 -7.57 7.39 1.51
C ALA A 289 -7.06 8.64 0.75
N PHE A 290 -7.34 9.84 1.28
CA PHE A 290 -6.90 11.13 0.73
C PHE A 290 -5.59 11.66 1.36
N VAL A 291 -5.13 10.99 2.41
CA VAL A 291 -3.86 11.33 3.07
C VAL A 291 -2.71 10.65 2.31
N LEU A 292 -1.94 11.43 1.57
CA LEU A 292 -0.90 10.92 0.64
C LEU A 292 0.49 10.98 1.28
N PRO A 293 1.41 10.09 0.88
CA PRO A 293 2.81 10.23 1.31
C PRO A 293 3.32 11.64 1.00
N GLU A 294 4.22 12.16 1.84
CA GLU A 294 4.70 13.55 1.68
C GLU A 294 5.09 13.93 0.23
N PHE A 295 5.80 13.03 -0.48
CA PHE A 295 6.25 13.37 -1.85
C PHE A 295 5.06 13.69 -2.77
N ALA A 296 3.95 13.00 -2.54
CA ALA A 296 2.77 13.18 -3.39
C ALA A 296 1.94 14.37 -2.92
N ARG A 297 1.78 14.53 -1.58
CA ARG A 297 1.12 15.72 -1.03
C ARG A 297 1.82 17.00 -1.59
N LYS A 298 3.14 17.06 -1.42
CA LYS A 298 3.96 18.14 -1.96
C LYS A 298 3.69 18.38 -3.46
N ALA A 299 3.82 17.34 -4.26
CA ALA A 299 3.70 17.52 -5.70
C ALA A 299 2.28 17.98 -6.12
N LEU A 300 1.23 17.51 -5.42
CA LEU A 300 -0.16 17.90 -5.74
C LEU A 300 -0.70 19.17 -5.07
N ASN A 301 0.00 19.66 -4.05
CA ASN A 301 -0.49 20.78 -3.24
C ASN A 301 0.37 22.02 -3.15
N ASP A 302 1.69 21.82 -3.12
CA ASP A 302 2.62 22.91 -2.79
C ASP A 302 2.94 23.77 -4.00
N ALA B 17 19.97 -16.82 -9.78
CA ALA B 17 19.15 -15.81 -9.02
C ALA B 17 18.70 -14.68 -9.93
N ILE B 18 19.60 -14.27 -10.83
CA ILE B 18 19.26 -13.38 -11.94
C ILE B 18 19.13 -14.20 -13.22
N ARG B 19 17.97 -14.13 -13.85
CA ARG B 19 17.71 -14.89 -15.06
C ARG B 19 17.22 -13.98 -16.18
N GLU B 20 17.89 -14.06 -17.33
CA GLU B 20 17.55 -13.23 -18.50
C GLU B 20 17.31 -11.77 -18.12
N GLY B 21 18.26 -11.22 -17.37
CA GLY B 21 18.23 -9.80 -17.05
C GLY B 21 17.29 -9.35 -15.95
N TRP B 22 16.66 -10.31 -15.25
CA TRP B 22 15.72 -10.01 -14.16
C TRP B 22 16.05 -10.77 -12.89
N PHE B 23 15.82 -10.13 -11.75
CA PHE B 23 15.87 -10.79 -10.46
C PHE B 23 14.46 -11.04 -9.96
N ARG B 24 14.15 -12.30 -9.71
CA ARG B 24 12.80 -12.61 -9.20
C ARG B 24 12.80 -13.05 -7.74
N GLU B 25 12.06 -12.35 -6.90
CA GLU B 25 11.98 -12.63 -5.49
C GLU B 25 10.86 -13.63 -5.19
N THR B 26 11.22 -14.84 -4.80
CA THR B 26 10.23 -15.81 -4.35
C THR B 26 10.51 -16.18 -2.93
N CYS B 27 9.45 -16.49 -2.16
CA CYS B 27 9.59 -16.91 -0.77
C CYS B 27 8.33 -17.65 -0.30
N SER B 28 8.51 -18.73 0.46
CA SER B 28 7.36 -19.48 1.05
C SER B 28 6.45 -18.60 1.90
N LEU B 29 6.97 -17.50 2.40
CA LEU B 29 6.19 -16.53 3.23
C LEU B 29 5.21 -15.66 2.38
N TRP B 30 5.34 -15.73 1.06
CA TRP B 30 4.35 -15.14 0.15
C TRP B 30 4.20 -16.03 -1.09
N PRO B 31 3.57 -17.20 -0.88
CA PRO B 31 3.59 -18.24 -1.92
C PRO B 31 2.72 -17.82 -3.11
N GLY B 32 3.15 -18.21 -4.30
CA GLY B 32 2.36 -18.02 -5.48
C GLY B 32 2.43 -16.66 -6.11
N GLN B 33 3.23 -15.75 -5.52
CA GLN B 33 3.44 -14.41 -6.06
C GLN B 33 4.94 -14.05 -6.05
N ALA B 34 5.33 -13.13 -6.92
CA ALA B 34 6.71 -12.68 -6.98
C ALA B 34 6.79 -11.31 -7.62
N LEU B 35 7.62 -10.48 -7.01
CA LEU B 35 8.12 -9.29 -7.68
C LEU B 35 9.41 -9.67 -8.44
N SER B 36 9.50 -9.26 -9.71
CA SER B 36 10.78 -9.16 -10.40
C SER B 36 11.21 -7.73 -10.67
N LEU B 37 12.52 -7.49 -10.55
CA LEU B 37 13.15 -6.24 -10.92
C LEU B 37 14.18 -6.51 -12.00
N GLN B 38 14.18 -5.66 -13.01
CA GLN B 38 15.10 -5.78 -14.13
C GLN B 38 16.46 -5.25 -13.70
N VAL B 39 17.49 -6.02 -14.03
CA VAL B 39 18.85 -5.79 -13.57
C VAL B 39 19.66 -5.05 -14.66
N GLU B 40 20.31 -3.93 -14.34
CA GLU B 40 21.25 -3.34 -15.29
C GLU B 40 22.64 -3.97 -15.13
N GLN B 41 23.06 -4.21 -13.88
CA GLN B 41 24.41 -4.73 -13.54
C GLN B 41 24.42 -5.43 -12.18
N LEU B 42 24.93 -6.64 -12.16
CA LEU B 42 25.31 -7.26 -10.90
C LEU B 42 26.46 -6.47 -10.26
N LEU B 43 26.33 -6.18 -8.96
CA LEU B 43 27.35 -5.45 -8.20
C LEU B 43 28.08 -6.33 -7.19
N HIS B 44 27.42 -7.31 -6.56
CA HIS B 44 28.08 -8.04 -5.42
C HIS B 44 27.99 -9.56 -5.09
N HIS B 45 26.85 -10.14 -4.78
CA HIS B 45 26.84 -11.62 -4.43
C HIS B 45 28.03 -12.36 -3.73
N ARG B 46 28.02 -12.37 -2.40
CA ARG B 46 28.95 -13.19 -1.61
C ARG B 46 28.21 -13.70 -0.37
N ARG B 47 28.61 -14.86 0.13
CA ARG B 47 28.04 -15.41 1.35
C ARG B 47 28.83 -14.93 2.57
N SER B 48 28.15 -14.35 3.56
CA SER B 48 28.83 -13.95 4.79
C SER B 48 28.74 -15.17 5.69
N ARG B 49 29.28 -15.07 6.91
CA ARG B 49 29.09 -16.08 7.93
C ARG B 49 27.60 -16.36 8.23
N TYR B 50 26.73 -15.37 7.95
CA TYR B 50 25.34 -15.45 8.35
C TYR B 50 24.30 -15.66 7.24
N GLN B 51 24.57 -15.14 6.04
CA GLN B 51 23.53 -15.08 5.01
C GLN B 51 24.10 -14.80 3.63
N ASP B 52 23.29 -15.02 2.60
CA ASP B 52 23.71 -14.70 1.25
C ASP B 52 23.42 -13.22 1.01
N ILE B 53 24.45 -12.49 0.60
CA ILE B 53 24.36 -11.04 0.29
C ILE B 53 24.50 -10.78 -1.21
N LEU B 54 23.43 -10.26 -1.81
CA LEU B 54 23.41 -9.93 -3.24
C LEU B 54 23.04 -8.44 -3.40
N VAL B 55 23.81 -7.72 -4.20
CA VAL B 55 23.54 -6.32 -4.54
C VAL B 55 23.62 -6.21 -6.06
N PHE B 56 22.66 -5.48 -6.64
CA PHE B 56 22.64 -5.20 -8.05
C PHE B 56 22.11 -3.81 -8.33
N ARG B 57 22.56 -3.24 -9.45
CA ARG B 57 21.98 -2.01 -9.96
C ARG B 57 20.74 -2.39 -10.80
N SER B 58 19.56 -1.95 -10.35
CA SER B 58 18.36 -2.25 -11.12
C SER B 58 18.18 -1.14 -12.17
N LYS B 59 17.42 -1.41 -13.22
CA LYS B 59 17.08 -0.42 -14.24
C LYS B 59 16.30 0.77 -13.70
N THR B 60 15.31 0.52 -12.84
CA THR B 60 14.35 1.57 -12.46
C THR B 60 14.22 1.85 -10.95
N TYR B 61 14.90 1.07 -10.13
CA TYR B 61 14.83 1.23 -8.66
C TYR B 61 16.17 1.58 -7.96
N GLY B 62 17.18 1.97 -8.73
CA GLY B 62 18.49 2.26 -8.15
C GLY B 62 19.12 0.99 -7.66
N ASN B 63 20.01 1.07 -6.67
CA ASN B 63 20.64 -0.16 -6.18
C ASN B 63 19.70 -0.96 -5.30
N VAL B 64 19.89 -2.28 -5.31
CA VAL B 64 19.03 -3.20 -4.60
C VAL B 64 19.84 -4.15 -3.73
N LEU B 65 19.54 -4.18 -2.45
CA LEU B 65 20.14 -5.15 -1.49
C LEU B 65 19.18 -6.31 -1.23
N VAL B 66 19.72 -7.53 -1.37
CA VAL B 66 18.97 -8.77 -1.22
C VAL B 66 19.74 -9.65 -0.22
N LEU B 67 19.06 -10.13 0.80
CA LEU B 67 19.64 -11.05 1.81
C LEU B 67 18.88 -12.37 1.81
N ASP B 68 19.62 -13.47 1.64
CA ASP B 68 19.00 -14.78 1.46
C ASP B 68 17.83 -14.77 0.49
N GLY B 69 18.00 -14.04 -0.61
CA GLY B 69 16.99 -13.93 -1.66
C GLY B 69 15.80 -13.00 -1.39
N VAL B 70 15.73 -12.40 -0.21
CA VAL B 70 14.67 -11.43 0.07
C VAL B 70 15.13 -9.96 -0.08
N ILE B 71 14.40 -9.17 -0.87
CA ILE B 71 14.73 -7.76 -1.09
C ILE B 71 14.64 -7.04 0.27
N GLN B 72 15.77 -6.45 0.67
CA GLN B 72 15.86 -5.61 1.87
C GLN B 72 15.53 -4.17 1.58
N CYS B 73 16.12 -3.61 0.53
CA CYS B 73 15.85 -2.22 0.11
C CYS B 73 16.24 -1.94 -1.31
N THR B 74 15.68 -0.85 -1.85
CA THR B 74 16.05 -0.26 -3.14
C THR B 74 16.19 1.22 -2.89
N GLU B 75 17.10 1.86 -3.61
CA GLU B 75 17.31 3.27 -3.38
C GLU B 75 16.10 4.13 -3.72
N ARG B 76 15.29 3.69 -4.69
CA ARG B 76 14.09 4.44 -5.13
C ARG B 76 13.01 4.57 -4.05
N ASP B 77 12.72 3.50 -3.33
CA ASP B 77 11.61 3.58 -2.38
C ASP B 77 11.94 3.34 -0.88
N GLU B 78 13.24 3.18 -0.54
CA GLU B 78 13.63 2.90 0.86
C GLU B 78 13.10 3.95 1.84
N PHE B 79 13.01 5.18 1.37
CA PHE B 79 12.61 6.30 2.22
C PHE B 79 11.28 6.04 2.95
N SER B 80 10.29 5.36 2.35
CA SER B 80 9.00 5.22 3.06
C SER B 80 9.16 4.41 4.33
N TYR B 81 9.69 3.19 4.20
CA TYR B 81 9.94 2.28 5.32
C TYR B 81 10.88 2.91 6.36
N GLN B 82 12.01 3.49 5.92
CA GLN B 82 13.01 4.02 6.88
C GLN B 82 12.40 5.19 7.70
N GLU B 83 11.68 6.06 7.01
CA GLU B 83 11.10 7.21 7.69
C GLU B 83 10.00 6.77 8.65
N MET B 84 9.22 5.77 8.24
CA MET B 84 8.08 5.37 9.05
C MET B 84 8.54 4.61 10.30
N ILE B 85 9.40 3.62 10.12
CA ILE B 85 9.84 2.83 11.27
C ILE B 85 10.58 3.67 12.31
N ALA B 86 11.20 4.76 11.87
CA ALA B 86 11.88 5.67 12.82
C ALA B 86 10.92 6.66 13.47
N ASN B 87 10.13 7.35 12.65
CA ASN B 87 9.30 8.43 13.13
C ASN B 87 7.98 8.03 13.82
N LEU B 88 7.42 6.89 13.46
CA LEU B 88 6.26 6.36 14.25
C LEU B 88 6.59 6.26 15.77
N PRO B 89 7.65 5.50 16.15
CA PRO B 89 8.00 5.53 17.60
C PRO B 89 8.53 6.88 18.15
N LEU B 90 9.47 7.52 17.43
CA LEU B 90 10.08 8.76 17.93
C LEU B 90 9.03 9.85 18.18
N CYS B 91 8.09 10.00 17.25
CA CYS B 91 7.07 11.06 17.37
C CYS B 91 5.92 10.65 18.28
N SER B 92 5.95 9.41 18.74
CA SER B 92 4.98 8.94 19.77
C SER B 92 5.55 9.00 21.21
N HIS B 93 6.75 9.55 21.36
CA HIS B 93 7.44 9.66 22.66
C HIS B 93 7.71 11.14 22.86
N PRO B 94 7.39 11.67 24.05
CA PRO B 94 7.54 13.11 24.23
C PRO B 94 9.00 13.59 24.29
N ASN B 95 9.93 12.71 24.61
CA ASN B 95 11.31 13.12 24.80
C ASN B 95 12.33 11.97 24.62
N PRO B 96 12.45 11.45 23.39
CA PRO B 96 13.25 10.25 23.23
C PRO B 96 14.72 10.63 23.06
N ARG B 97 15.55 10.17 23.99
CA ARG B 97 16.96 10.61 24.04
C ARG B 97 17.94 9.51 23.82
N LYS B 98 17.56 8.30 24.22
CA LYS B 98 18.42 7.14 24.03
C LYS B 98 17.69 6.08 23.18
N VAL B 99 18.30 5.68 22.06
CA VAL B 99 17.57 4.85 21.12
C VAL B 99 18.40 3.60 20.82
N LEU B 100 17.71 2.46 20.72
CA LEU B 100 18.32 1.20 20.31
C LEU B 100 17.78 0.81 18.94
N ILE B 101 18.67 0.54 18.00
CA ILE B 101 18.23 -0.09 16.75
C ILE B 101 18.79 -1.49 16.71
N ILE B 102 17.93 -2.48 16.48
CA ILE B 102 18.37 -3.87 16.21
C ILE B 102 18.27 -4.18 14.71
N GLY B 103 19.34 -4.72 14.14
CA GLY B 103 19.44 -4.89 12.70
C GLY B 103 19.93 -3.58 12.09
N GLY B 104 19.25 -3.11 11.05
CA GLY B 104 19.60 -1.84 10.44
C GLY B 104 20.92 -1.80 9.69
N GLY B 105 21.32 -2.92 9.07
CA GLY B 105 22.63 -2.99 8.42
C GLY B 105 22.88 -1.93 7.36
N ASP B 106 21.81 -1.52 6.67
CA ASP B 106 22.00 -0.55 5.57
C ASP B 106 22.27 0.86 6.09
N GLY B 107 21.95 1.12 7.37
CA GLY B 107 22.18 2.43 8.00
C GLY B 107 21.07 3.45 7.87
N GLY B 108 20.04 3.09 7.10
CA GLY B 108 18.94 3.99 6.74
C GLY B 108 18.08 4.39 7.94
N VAL B 109 17.82 3.46 8.84
CA VAL B 109 16.99 3.81 9.99
C VAL B 109 17.78 4.77 10.90
N LEU B 110 19.06 4.46 11.06
CA LEU B 110 20.02 5.30 11.79
C LEU B 110 19.98 6.73 11.23
N ARG B 111 20.11 6.81 9.90
CA ARG B 111 19.98 8.12 9.15
C ARG B 111 18.76 8.92 9.59
N GLU B 112 17.60 8.26 9.61
CA GLU B 112 16.37 8.90 10.08
C GLU B 112 16.34 9.25 11.56
N VAL B 113 16.78 8.33 12.42
CA VAL B 113 16.70 8.57 13.89
C VAL B 113 17.51 9.79 14.30
N VAL B 114 18.72 9.90 13.76
CA VAL B 114 19.67 10.94 14.19
C VAL B 114 19.28 12.36 13.78
N LYS B 115 18.32 12.49 12.87
CA LYS B 115 17.73 13.79 12.48
C LYS B 115 17.02 14.47 13.66
N HIS B 116 16.61 13.68 14.64
CA HIS B 116 15.90 14.23 15.80
C HIS B 116 16.89 14.85 16.80
N PRO B 117 16.77 16.18 17.09
CA PRO B 117 17.58 16.90 18.09
C PRO B 117 17.59 16.28 19.51
N SER B 118 16.47 15.69 19.90
CA SER B 118 16.32 15.09 21.22
C SER B 118 17.19 13.84 21.38
N VAL B 119 17.49 13.18 20.27
CA VAL B 119 18.23 11.92 20.34
C VAL B 119 19.71 12.23 20.57
N GLU B 120 20.22 11.75 21.70
CA GLU B 120 21.63 11.93 22.06
C GLU B 120 22.47 10.72 21.68
N SER B 121 21.90 9.53 21.85
CA SER B 121 22.67 8.31 21.71
C SER B 121 21.84 7.32 20.94
N VAL B 122 22.44 6.73 19.89
CA VAL B 122 21.83 5.64 19.18
C VAL B 122 22.76 4.42 19.21
N VAL B 123 22.30 3.37 19.87
CA VAL B 123 23.04 2.11 19.88
C VAL B 123 22.47 1.25 18.74
N GLN B 124 23.31 0.74 17.87
CA GLN B 124 22.83 -0.16 16.81
C GLN B 124 23.49 -1.52 17.05
N CYS B 125 22.67 -2.57 17.17
CA CYS B 125 23.18 -3.93 17.27
C CYS B 125 22.91 -4.73 16.00
N GLU B 126 23.96 -4.92 15.21
CA GLU B 126 23.87 -5.65 13.93
C GLU B 126 24.72 -6.93 14.00
N ILE B 127 24.15 -8.03 13.54
CA ILE B 127 24.80 -9.37 13.64
C ILE B 127 25.90 -9.55 12.56
N ASP B 128 25.71 -8.93 11.40
CA ASP B 128 26.48 -9.30 10.24
C ASP B 128 27.25 -8.07 9.73
N GLU B 129 28.51 -7.93 10.15
CA GLU B 129 29.34 -6.78 9.74
C GLU B 129 29.57 -6.66 8.22
N ASP B 130 29.51 -7.77 7.51
CA ASP B 130 29.53 -7.77 6.04
C ASP B 130 28.40 -6.94 5.39
N VAL B 131 27.19 -6.99 5.95
CA VAL B 131 26.09 -6.15 5.44
C VAL B 131 26.44 -4.66 5.56
N ILE B 132 27.06 -4.27 6.69
CA ILE B 132 27.50 -2.89 6.89
C ILE B 132 28.52 -2.48 5.82
N GLN B 133 29.48 -3.34 5.55
CA GLN B 133 30.50 -2.96 4.60
C GLN B 133 29.97 -2.83 3.16
N VAL B 134 29.13 -3.77 2.75
CA VAL B 134 28.43 -3.74 1.46
C VAL B 134 27.52 -2.47 1.30
N SER B 135 26.77 -2.13 2.36
CA SER B 135 25.89 -0.98 2.35
C SER B 135 26.67 0.31 2.27
N LYS B 136 27.81 0.41 2.97
CA LYS B 136 28.64 1.63 2.86
C LYS B 136 29.08 1.84 1.42
N LYS B 137 29.36 0.75 0.71
CA LYS B 137 29.78 0.86 -0.70
C LYS B 137 28.62 1.10 -1.70
N PHE B 138 27.52 0.38 -1.53
CA PHE B 138 26.49 0.33 -2.59
C PHE B 138 25.19 1.01 -2.26
N LEU B 139 25.01 1.39 -1.00
CA LEU B 139 23.83 2.15 -0.54
C LEU B 139 24.20 3.50 0.12
N PRO B 140 24.90 4.37 -0.63
CA PRO B 140 25.48 5.51 0.06
C PRO B 140 24.48 6.48 0.71
N GLY B 141 23.28 6.58 0.13
CA GLY B 141 22.23 7.42 0.68
C GLY B 141 21.60 6.88 1.95
N MET B 142 21.81 5.60 2.22
CA MET B 142 21.35 5.01 3.51
C MET B 142 22.49 4.97 4.54
N ALA B 143 23.66 4.49 4.10
CA ALA B 143 24.84 4.29 4.96
C ALA B 143 25.50 5.57 5.47
N ILE B 144 25.02 6.72 4.98
CA ILE B 144 25.32 8.03 5.56
C ILE B 144 24.99 8.08 7.07
N GLY B 145 24.07 7.23 7.51
CA GLY B 145 23.76 7.06 8.96
C GLY B 145 25.01 6.76 9.81
N TYR B 146 25.93 5.97 9.26
CA TYR B 146 27.12 5.58 10.01
C TYR B 146 28.10 6.69 10.32
N SER B 147 27.93 7.84 9.66
CA SER B 147 28.82 8.99 9.92
C SER B 147 28.34 9.82 11.13
N SER B 148 27.24 9.44 11.78
CA SER B 148 26.72 10.21 12.92
C SER B 148 27.59 10.02 14.18
N SER B 149 27.89 11.14 14.83
CA SER B 149 28.57 11.09 16.13
C SER B 149 27.67 10.52 17.25
N LYS B 150 26.37 10.37 16.99
CA LYS B 150 25.45 9.83 18.00
C LYS B 150 25.53 8.29 18.07
N LEU B 151 26.12 7.65 17.07
CA LEU B 151 26.15 6.17 16.97
C LEU B 151 27.12 5.47 17.96
N THR B 152 26.62 4.46 18.66
CA THR B 152 27.48 3.42 19.24
C THR B 152 27.17 2.13 18.47
N LEU B 153 28.11 1.67 17.63
CA LEU B 153 27.87 0.48 16.84
C LEU B 153 28.25 -0.80 17.62
N HIS B 154 27.28 -1.70 17.76
CA HIS B 154 27.46 -2.96 18.48
C HIS B 154 27.32 -4.18 17.58
N VAL B 155 28.04 -5.24 17.91
CA VAL B 155 28.01 -6.46 17.09
C VAL B 155 27.38 -7.63 17.83
N GLY B 156 26.48 -8.32 17.14
CA GLY B 156 25.97 -9.56 17.64
C GLY B 156 24.49 -9.76 17.39
N ASP B 157 23.99 -10.89 17.91
CA ASP B 157 22.58 -11.22 17.84
C ASP B 157 21.79 -10.31 18.78
N GLY B 158 20.84 -9.57 18.19
CA GLY B 158 19.96 -8.66 18.92
C GLY B 158 19.17 -9.31 20.05
N PHE B 159 18.85 -10.59 19.87
CA PHE B 159 18.11 -11.34 20.88
C PHE B 159 18.92 -11.45 22.16
N GLU B 160 20.11 -12.04 22.01
CA GLU B 160 21.02 -12.13 23.15
C GLU B 160 21.43 -10.76 23.68
N PHE B 161 21.74 -9.79 22.80
CA PHE B 161 22.05 -8.43 23.24
C PHE B 161 20.98 -7.80 24.14
N MET B 162 19.70 -8.03 23.81
CA MET B 162 18.63 -7.38 24.51
C MET B 162 18.69 -7.69 26.02
N LYS B 163 19.04 -8.93 26.32
CA LYS B 163 19.22 -9.44 27.71
C LYS B 163 20.17 -8.63 28.56
N GLN B 164 21.09 -7.93 27.92
CA GLN B 164 22.11 -7.14 28.60
C GLN B 164 21.58 -5.85 29.21
N ASN B 165 20.36 -5.45 28.84
CA ASN B 165 19.88 -4.07 29.05
C ASN B 165 18.64 -4.07 29.93
N GLN B 166 18.60 -3.17 30.90
CA GLN B 166 17.43 -3.01 31.77
C GLN B 166 17.15 -1.54 32.02
N ASP B 167 15.93 -1.09 31.69
CA ASP B 167 15.49 0.27 32.02
C ASP B 167 16.47 1.26 31.35
N ALA B 168 16.82 1.00 30.09
CA ALA B 168 17.93 1.74 29.46
C ALA B 168 17.53 2.62 28.28
N PHE B 169 16.49 2.23 27.53
CA PHE B 169 16.18 2.89 26.26
C PHE B 169 14.82 3.57 26.27
N ASP B 170 14.73 4.77 25.71
CA ASP B 170 13.46 5.43 25.45
C ASP B 170 12.70 4.78 24.29
N VAL B 171 13.45 4.31 23.30
CA VAL B 171 12.86 3.82 22.08
C VAL B 171 13.74 2.67 21.59
N ILE B 172 13.10 1.55 21.27
CA ILE B 172 13.77 0.46 20.57
C ILE B 172 13.10 0.22 19.20
N ILE B 173 13.93 0.20 18.16
CA ILE B 173 13.42 -0.09 16.84
C ILE B 173 14.04 -1.40 16.39
N THR B 174 13.22 -2.35 15.95
CA THR B 174 13.74 -3.57 15.35
C THR B 174 13.53 -3.51 13.83
N ASP B 175 14.62 -3.19 13.14
CA ASP B 175 14.67 -3.12 11.70
C ASP B 175 15.22 -4.43 11.14
N SER B 176 14.36 -5.44 11.06
CA SER B 176 14.81 -6.80 10.74
C SER B 176 14.36 -7.20 9.33
N SER B 177 14.96 -8.25 8.78
CA SER B 177 14.29 -8.97 7.69
C SER B 177 13.14 -9.88 8.22
N ASP B 178 12.63 -10.78 7.36
CA ASP B 178 11.51 -11.68 7.72
C ASP B 178 11.92 -12.79 8.70
N PRO B 179 10.93 -13.47 9.33
CA PRO B 179 11.25 -14.49 10.33
C PRO B 179 11.81 -15.76 9.70
N MET B 180 13.01 -15.64 9.16
CA MET B 180 13.79 -16.73 8.60
C MET B 180 15.25 -16.35 8.82
N GLY B 181 16.18 -17.29 8.63
CA GLY B 181 17.60 -16.98 8.82
C GLY B 181 17.96 -16.39 10.19
N PRO B 182 19.01 -15.55 10.26
CA PRO B 182 19.45 -14.99 11.55
C PRO B 182 18.42 -14.09 12.26
N ALA B 183 17.43 -13.58 11.53
CA ALA B 183 16.38 -12.71 12.12
C ALA B 183 15.30 -13.50 12.90
N GLU B 184 15.31 -14.83 12.78
CA GLU B 184 14.26 -15.67 13.40
C GLU B 184 14.11 -15.40 14.91
N SER B 185 15.22 -15.37 15.63
CA SER B 185 15.25 -14.95 17.07
C SER B 185 14.53 -13.63 17.41
N LEU B 186 14.51 -12.68 16.47
CA LEU B 186 13.83 -11.38 16.70
C LEU B 186 12.30 -11.48 16.60
N PHE B 187 11.82 -12.65 16.21
CA PHE B 187 10.39 -12.91 16.17
C PHE B 187 9.94 -13.90 17.28
N LYS B 188 10.84 -14.25 18.19
CA LYS B 188 10.46 -15.04 19.36
C LYS B 188 9.70 -14.14 20.31
N GLU B 189 8.61 -14.65 20.87
CA GLU B 189 7.79 -13.88 21.80
C GLU B 189 8.57 -13.43 23.05
N SER B 190 9.55 -14.21 23.50
CA SER B 190 10.38 -13.74 24.64
C SER B 190 11.18 -12.46 24.28
N TYR B 191 11.49 -12.29 23.00
CA TYR B 191 12.13 -11.06 22.52
C TYR B 191 11.31 -9.82 22.89
N TYR B 192 9.98 -9.89 22.75
CA TYR B 192 9.15 -8.75 23.17
C TYR B 192 9.21 -8.44 24.66
N GLN B 193 9.31 -9.49 25.46
CA GLN B 193 9.48 -9.33 26.89
C GLN B 193 10.88 -8.83 27.20
N LEU B 194 11.89 -9.32 26.48
CA LEU B 194 13.24 -8.72 26.62
C LEU B 194 13.28 -7.22 26.30
N MET B 195 12.56 -6.79 25.27
CA MET B 195 12.50 -5.35 24.92
C MET B 195 11.76 -4.56 25.98
N LYS B 196 10.71 -5.14 26.55
CA LYS B 196 9.97 -4.45 27.65
C LYS B 196 10.93 -4.16 28.84
N THR B 197 11.78 -5.14 29.16
CA THR B 197 12.72 -5.05 30.28
C THR B 197 13.79 -4.00 29.93
N ALA B 198 14.27 -4.02 28.68
CA ALA B 198 15.26 -3.07 28.16
C ALA B 198 14.80 -1.63 28.13
N LEU B 199 13.50 -1.43 27.98
CA LEU B 199 12.93 -0.09 27.83
C LEU B 199 12.90 0.56 29.19
N LYS B 200 12.94 1.89 29.21
CA LYS B 200 12.68 2.65 30.43
C LYS B 200 11.19 2.51 30.80
N GLU B 201 10.79 3.08 31.94
CA GLU B 201 9.44 2.87 32.47
C GLU B 201 8.31 3.37 31.55
N ASP B 202 8.61 4.40 30.77
CA ASP B 202 7.68 4.99 29.82
C ASP B 202 8.22 4.84 28.40
N GLY B 203 8.99 3.78 28.15
CA GLY B 203 9.56 3.60 26.80
C GLY B 203 8.57 3.07 25.77
N VAL B 204 8.92 3.24 24.48
CA VAL B 204 8.14 2.67 23.36
C VAL B 204 9.03 1.84 22.44
N LEU B 205 8.39 1.01 21.63
CA LEU B 205 9.10 0.19 20.67
C LEU B 205 8.31 0.11 19.38
N CYS B 206 9.05 -0.12 18.30
CA CYS B 206 8.47 -0.31 16.99
C CYS B 206 9.23 -1.39 16.26
N CYS B 207 8.52 -2.43 15.82
CA CYS B 207 9.17 -3.56 15.15
C CYS B 207 8.57 -3.73 13.77
N GLN B 208 9.40 -4.10 12.81
CA GLN B 208 8.90 -4.57 11.52
C GLN B 208 7.90 -5.70 11.84
N GLY B 209 6.67 -5.47 11.38
CA GLY B 209 5.50 -6.22 11.83
C GLY B 209 4.73 -6.90 10.71
N GLU B 210 5.34 -6.94 9.52
CA GLU B 210 4.85 -7.72 8.38
C GLU B 210 3.59 -7.15 7.70
N CYS B 211 3.08 -7.89 6.71
CA CYS B 211 2.10 -7.34 5.75
C CYS B 211 0.65 -7.83 6.02
N GLN B 212 -0.27 -6.89 6.20
CA GLN B 212 -1.68 -7.23 6.52
C GLN B 212 -2.45 -7.99 5.40
N TRP B 213 -1.99 -7.90 4.16
CA TRP B 213 -2.54 -8.62 3.03
C TRP B 213 -1.94 -10.04 2.87
N LEU B 214 -0.97 -10.38 3.72
CA LEU B 214 -0.20 -11.66 3.61
C LEU B 214 -0.07 -12.45 4.91
N HIS B 215 0.00 -11.73 6.03
CA HIS B 215 0.47 -12.33 7.31
C HIS B 215 -0.49 -11.92 8.45
N LEU B 216 -1.78 -11.77 8.15
CA LEU B 216 -2.76 -11.32 9.15
C LEU B 216 -2.81 -12.24 10.39
N ASP B 217 -2.68 -13.54 10.14
CA ASP B 217 -2.54 -14.53 11.21
C ASP B 217 -1.42 -14.17 12.20
N LEU B 218 -0.22 -13.99 11.69
CA LEU B 218 0.95 -13.58 12.50
C LEU B 218 0.72 -12.25 13.23
N ILE B 219 0.08 -11.32 12.54
CA ILE B 219 -0.15 -9.97 13.07
C ILE B 219 -1.12 -10.00 14.24
N LYS B 220 -2.18 -10.77 14.07
CA LYS B 220 -3.14 -10.99 15.14
C LYS B 220 -2.48 -11.73 16.35
N GLU B 221 -1.63 -12.72 16.09
CA GLU B 221 -0.86 -13.41 17.14
C GLU B 221 0.10 -12.49 17.91
N MET B 222 0.95 -11.78 17.18
CA MET B 222 1.87 -10.82 17.77
C MET B 222 1.10 -9.84 18.68
N ARG B 223 0.01 -9.27 18.17
CA ARG B 223 -0.82 -8.29 18.89
C ARG B 223 -1.43 -8.82 20.21
N GLN B 224 -1.98 -10.03 20.16
CA GLN B 224 -2.53 -10.68 21.36
C GLN B 224 -1.43 -10.92 22.41
N PHE B 225 -0.30 -11.49 21.98
CA PHE B 225 0.87 -11.62 22.89
C PHE B 225 1.32 -10.27 23.49
N CYS B 226 1.53 -9.26 22.63
CA CYS B 226 1.96 -7.96 23.14
C CYS B 226 0.94 -7.30 24.06
N GLN B 227 -0.35 -7.49 23.80
CA GLN B 227 -1.39 -6.93 24.68
C GLN B 227 -1.31 -7.44 26.12
N SER B 228 -0.78 -8.63 26.30
CA SER B 228 -0.64 -9.26 27.63
C SER B 228 0.59 -8.71 28.38
N LEU B 229 1.48 -8.02 27.65
CA LEU B 229 2.70 -7.42 28.20
C LEU B 229 2.64 -5.90 28.39
N PHE B 230 1.96 -5.22 27.47
CA PHE B 230 2.00 -3.77 27.38
C PHE B 230 0.59 -3.20 27.50
N PRO B 231 0.45 -2.04 28.19
CA PRO B 231 -0.87 -1.43 28.26
C PRO B 231 -1.36 -0.85 26.90
N VAL B 232 -0.45 -0.55 25.97
CA VAL B 232 -0.81 0.06 24.66
C VAL B 232 -0.09 -0.67 23.51
N VAL B 233 -0.86 -1.24 22.60
CA VAL B 233 -0.33 -2.00 21.46
C VAL B 233 -1.05 -1.53 20.18
N ALA B 234 -0.31 -1.25 19.13
CA ALA B 234 -0.92 -0.79 17.87
C ALA B 234 -0.25 -1.40 16.67
N TYR B 235 -0.91 -1.34 15.51
CA TYR B 235 -0.32 -1.78 14.26
C TYR B 235 -0.49 -0.65 13.23
N ALA B 236 0.61 -0.27 12.60
CA ALA B 236 0.51 0.74 11.50
C ALA B 236 1.19 0.18 10.23
N TYR B 237 0.96 0.82 9.08
CA TYR B 237 1.55 0.31 7.83
C TYR B 237 1.96 1.44 6.93
N CYS B 238 2.88 1.15 6.02
CA CYS B 238 3.26 2.09 4.98
C CYS B 238 3.20 1.37 3.63
N THR B 239 3.09 2.14 2.56
CA THR B 239 3.24 1.57 1.23
C THR B 239 4.67 1.72 0.70
N ILE B 240 5.09 0.73 -0.06
CA ILE B 240 6.46 0.57 -0.51
C ILE B 240 6.41 -0.55 -1.54
N PRO B 241 6.50 -0.16 -2.82
CA PRO B 241 6.30 -1.03 -3.97
C PRO B 241 7.11 -2.34 -3.91
N THR B 242 8.30 -2.30 -3.34
CA THR B 242 9.21 -3.41 -3.52
C THR B 242 9.30 -4.31 -2.28
N TYR B 243 8.35 -4.19 -1.36
CA TYR B 243 8.12 -5.26 -0.40
C TYR B 243 6.88 -6.04 -0.89
N PRO B 244 6.77 -7.32 -0.52
CA PRO B 244 5.70 -8.22 -1.02
C PRO B 244 4.34 -7.60 -0.78
N SER B 245 3.53 -7.59 -1.84
CA SER B 245 2.17 -7.03 -1.85
C SER B 245 2.14 -5.48 -1.71
N GLY B 246 3.32 -4.85 -1.72
CA GLY B 246 3.47 -3.39 -1.96
C GLY B 246 3.34 -2.55 -0.70
N GLN B 247 3.47 -3.21 0.46
CA GLN B 247 3.35 -2.57 1.76
C GLN B 247 3.84 -3.46 2.89
N ILE B 248 4.03 -2.86 4.07
CA ILE B 248 4.43 -3.62 5.24
C ILE B 248 4.06 -2.79 6.47
N GLY B 249 3.91 -3.47 7.59
CA GLY B 249 3.46 -2.84 8.82
C GLY B 249 4.48 -2.91 9.97
N PHE B 250 4.04 -2.37 11.10
CA PHE B 250 4.85 -2.04 12.25
C PHE B 250 4.04 -2.37 13.48
N MET B 251 4.64 -3.18 14.36
CA MET B 251 4.08 -3.42 15.63
C MET B 251 4.61 -2.32 16.55
N LEU B 252 3.69 -1.62 17.21
CA LEU B 252 4.07 -0.59 18.17
C LEU B 252 3.55 -0.96 19.58
N CYS B 253 4.42 -0.87 20.58
CA CYS B 253 4.02 -1.09 21.96
C CYS B 253 4.58 0.00 22.85
N SER B 254 3.78 0.40 23.82
CA SER B 254 4.24 1.34 24.82
C SER B 254 4.03 0.80 26.23
N LYS B 255 4.99 1.09 27.13
CA LYS B 255 4.85 0.83 28.57
C LYS B 255 4.08 1.95 29.28
N ASN B 256 3.93 3.06 28.59
CA ASN B 256 3.19 4.22 29.10
C ASN B 256 1.70 4.05 28.72
N PRO B 257 0.83 3.84 29.72
CA PRO B 257 -0.60 3.66 29.39
C PRO B 257 -1.26 4.88 28.71
N SER B 258 -0.63 6.05 28.81
CA SER B 258 -1.13 7.27 28.16
C SER B 258 -0.72 7.44 26.70
N THR B 259 0.20 6.59 26.22
CA THR B 259 0.64 6.69 24.84
C THR B 259 -0.59 6.51 23.94
N ASN B 260 -0.79 7.45 23.05
CA ASN B 260 -1.76 7.27 21.99
C ASN B 260 -0.97 7.26 20.68
N PHE B 261 -0.68 6.06 20.15
CA PHE B 261 0.13 5.97 18.94
C PHE B 261 -0.50 6.67 17.74
N GLN B 262 -1.84 6.65 17.65
CA GLN B 262 -2.57 7.22 16.49
C GLN B 262 -2.47 8.75 16.37
N GLU B 263 -2.24 9.43 17.48
CA GLU B 263 -2.15 10.89 17.49
C GLU B 263 -0.75 11.28 18.00
N PRO B 264 0.17 11.71 17.10
CA PRO B 264 1.57 11.89 17.50
C PRO B 264 1.68 12.90 18.65
N VAL B 265 2.26 12.47 19.76
CA VAL B 265 2.56 13.41 20.86
C VAL B 265 3.59 14.46 20.39
N GLN B 266 4.46 14.13 19.44
CA GLN B 266 5.30 15.15 18.80
C GLN B 266 4.87 15.37 17.37
N PRO B 267 3.85 16.23 17.14
CA PRO B 267 3.51 16.47 15.76
C PRO B 267 4.65 17.30 15.10
N LEU B 268 5.03 16.97 13.87
CA LEU B 268 6.09 17.71 13.15
C LEU B 268 5.45 18.88 12.43
N THR B 269 6.12 20.03 12.42
CA THR B 269 5.62 21.17 11.62
C THR B 269 6.08 20.90 10.19
N GLN B 270 5.54 21.62 9.22
CA GLN B 270 5.99 21.51 7.82
C GLN B 270 7.44 21.94 7.70
N GLN B 271 7.84 22.90 8.56
CA GLN B 271 9.24 23.36 8.66
C GLN B 271 10.18 22.22 9.03
N GLN B 272 9.78 21.42 10.03
CA GLN B 272 10.55 20.27 10.42
C GLN B 272 10.56 19.22 9.29
N VAL B 273 9.40 18.93 8.70
CA VAL B 273 9.33 17.94 7.60
C VAL B 273 10.31 18.28 6.45
N ALA B 274 10.29 19.56 6.04
CA ALA B 274 11.20 20.11 5.04
C ALA B 274 12.67 20.02 5.45
N GLN B 275 12.98 20.47 6.66
CA GLN B 275 14.34 20.48 7.15
C GLN B 275 14.88 19.03 7.28
N MET B 276 14.01 18.12 7.68
CA MET B 276 14.38 16.72 7.80
C MET B 276 14.40 15.98 6.44
N GLN B 277 14.10 16.71 5.36
CA GLN B 277 14.10 16.17 3.98
C GLN B 277 13.24 14.90 3.85
N LEU B 278 12.13 14.86 4.59
CA LEU B 278 11.19 13.74 4.53
C LEU B 278 10.42 13.67 3.21
N LYS B 279 10.31 12.45 2.68
CA LYS B 279 9.64 12.19 1.39
C LYS B 279 8.37 11.36 1.57
N TYR B 280 8.19 10.78 2.76
CA TYR B 280 7.01 9.98 3.05
C TYR B 280 6.26 10.49 4.28
N TYR B 281 6.97 10.51 5.42
CA TYR B 281 6.34 10.78 6.70
C TYR B 281 5.96 12.26 6.90
N ASN B 282 4.80 12.46 7.51
CA ASN B 282 4.46 13.75 8.12
C ASN B 282 3.39 13.40 9.13
N SER B 283 2.83 14.40 9.82
CA SER B 283 1.92 14.10 10.93
C SER B 283 0.57 13.50 10.52
N ASP B 284 0.04 13.90 9.36
CA ASP B 284 -1.21 13.28 8.89
C ASP B 284 -0.97 11.87 8.37
N VAL B 285 0.15 11.67 7.68
CA VAL B 285 0.56 10.29 7.25
C VAL B 285 0.64 9.34 8.47
N HIS B 286 1.33 9.79 9.52
CA HIS B 286 1.35 9.12 10.84
C HIS B 286 -0.05 8.69 11.30
N ARG B 287 -0.98 9.66 11.36
CA ARG B 287 -2.35 9.38 11.76
C ARG B 287 -2.99 8.31 10.85
N ALA B 288 -2.88 8.51 9.53
CA ALA B 288 -3.62 7.66 8.59
C ALA B 288 -3.05 6.24 8.57
N ALA B 289 -1.78 6.13 8.98
CA ALA B 289 -1.05 4.86 8.96
C ALA B 289 -1.72 3.79 9.82
N PHE B 290 -2.52 4.22 10.78
CA PHE B 290 -3.25 3.32 11.70
C PHE B 290 -4.67 2.96 11.24
N VAL B 291 -5.07 3.54 10.12
CA VAL B 291 -6.42 3.30 9.56
C VAL B 291 -6.32 2.14 8.58
N LEU B 292 -6.78 0.97 9.00
CA LEU B 292 -6.59 -0.24 8.23
C LEU B 292 -7.81 -0.58 7.40
N PRO B 293 -7.61 -1.33 6.29
CA PRO B 293 -8.77 -1.82 5.55
C PRO B 293 -9.69 -2.59 6.48
N GLU B 294 -11.00 -2.57 6.19
CA GLU B 294 -12.01 -3.18 7.08
C GLU B 294 -11.67 -4.63 7.52
N PHE B 295 -11.17 -5.45 6.58
CA PHE B 295 -10.84 -6.84 6.90
C PHE B 295 -9.77 -6.94 8.00
N ALA B 296 -8.80 -6.04 7.96
CA ALA B 296 -7.73 -6.01 8.96
C ALA B 296 -8.21 -5.38 10.28
N ARG B 297 -8.98 -4.28 10.19
CA ARG B 297 -9.56 -3.65 11.38
C ARG B 297 -10.36 -4.71 12.19
N LYS B 298 -11.29 -5.38 11.49
CA LYS B 298 -12.12 -6.45 12.05
C LYS B 298 -11.28 -7.54 12.75
N ALA B 299 -10.25 -8.03 12.06
CA ALA B 299 -9.46 -9.13 12.60
C ALA B 299 -8.63 -8.69 13.81
N LEU B 300 -8.14 -7.45 13.82
CA LEU B 300 -7.32 -7.01 14.93
C LEU B 300 -8.13 -6.45 16.11
N ASN B 301 -9.38 -6.06 15.85
CA ASN B 301 -10.20 -5.35 16.84
C ASN B 301 -11.51 -6.06 17.08
#